data_1WPU
#
_entry.id   1WPU
#
_cell.length_a   76.060
_cell.length_b   76.060
_cell.length_c   133.990
_cell.angle_alpha   90.00
_cell.angle_beta   90.00
_cell.angle_gamma   120.00
#
_symmetry.space_group_name_H-M   'H 3'
#
loop_
_entity.id
_entity.type
_entity.pdbx_description
1 polymer "5'-R(*UP*UP*GP*AP*GP*UP*U)-3'"
2 polymer 'Hut operon positive regulatory protein'
3 non-polymer 'MAGNESIUM ION'
4 non-polymer HISTIDINE
5 water water
#
loop_
_entity_poly.entity_id
_entity_poly.type
_entity_poly.pdbx_seq_one_letter_code
_entity_poly.pdbx_strand_id
1 'polyribonucleotide' UUGAGUU C,D
2 'polypeptide(L)'
;TLHKERRIGRLSVLLLLNEAEESTQVEELERDGWKVCLGKVGSMDAHKVIAAIETASKKSGVIQSEGYRESHALYHATME
ALHGVTRGEMLLGSLLRTVGLRFAVLRGNPYESEAEGDWIAVSLYGTIGAPIKGLEHETFGVGINHI
;
A,B
#
loop_
_chem_comp.id
_chem_comp.type
_chem_comp.name
_chem_comp.formula
A RNA linking ADENOSINE-5'-MONOPHOSPHATE 'C10 H14 N5 O7 P'
G RNA linking GUANOSINE-5'-MONOPHOSPHATE 'C10 H14 N5 O8 P'
MG non-polymer 'MAGNESIUM ION' 'Mg 2'
U RNA linking URIDINE-5'-MONOPHOSPHATE 'C9 H13 N2 O9 P'
#
# COMPACT_ATOMS: atom_id res chain seq x y z
N THR C 1 -5.32 -12.52 -17.10
CA THR C 1 -3.93 -12.81 -16.67
C THR C 1 -3.07 -11.55 -16.69
N LEU C 2 -2.56 -11.16 -15.53
CA LEU C 2 -1.71 -9.97 -15.43
C LEU C 2 -0.35 -10.21 -16.08
N HIS C 3 0.10 -9.24 -16.86
CA HIS C 3 1.39 -9.32 -17.55
C HIS C 3 2.47 -8.86 -16.57
N LYS C 4 3.44 -9.74 -16.32
CA LYS C 4 4.53 -9.47 -15.39
C LYS C 4 5.22 -8.11 -15.54
N GLU C 5 5.37 -7.65 -16.78
CA GLU C 5 6.03 -6.38 -17.06
C GLU C 5 5.09 -5.18 -17.05
N ARG C 6 3.82 -5.43 -16.77
CA ARG C 6 2.84 -4.34 -16.78
C ARG C 6 1.95 -4.30 -15.55
N ARG C 7 2.51 -4.66 -14.40
CA ARG C 7 1.73 -4.65 -13.16
C ARG C 7 1.54 -3.22 -12.68
N ILE C 8 0.40 -2.66 -13.10
CA ILE C 8 0.03 -1.28 -12.81
C ILE C 8 0.11 -0.86 -11.34
N GLY C 9 -0.32 -1.75 -10.44
CA GLY C 9 -0.26 -1.43 -9.02
C GLY C 9 1.17 -1.28 -8.54
N ARG C 10 1.97 -2.31 -8.76
CA ARG C 10 3.37 -2.32 -8.35
C ARG C 10 4.14 -1.15 -8.98
N LEU C 11 3.87 -0.88 -10.25
CA LEU C 11 4.55 0.21 -10.95
C LEU C 11 4.18 1.58 -10.36
N SER C 12 2.92 1.76 -10.02
CA SER C 12 2.48 3.04 -9.47
C SER C 12 3.11 3.28 -8.10
N VAL C 13 3.22 2.22 -7.30
CA VAL C 13 3.79 2.32 -5.97
C VAL C 13 5.30 2.60 -6.03
N LEU C 14 5.99 1.93 -6.94
CA LEU C 14 7.43 2.12 -7.09
C LEU C 14 7.72 3.56 -7.52
N LEU C 15 6.88 4.11 -8.37
CA LEU C 15 7.05 5.49 -8.84
C LEU C 15 6.86 6.43 -7.65
N LEU C 16 5.86 6.14 -6.84
CA LEU C 16 5.55 6.97 -5.68
C LEU C 16 6.62 6.96 -4.59
N LEU C 17 7.27 5.82 -4.39
CA LEU C 17 8.29 5.69 -3.35
C LEU C 17 9.71 6.09 -3.74
N ASN C 18 9.91 6.58 -4.96
CA ASN C 18 11.25 6.99 -5.38
C ASN C 18 11.43 8.50 -5.30
N GLU C 19 12.56 8.92 -4.76
CA GLU C 19 12.87 10.34 -4.60
C GLU C 19 14.06 10.76 -5.46
N ALA C 20 14.41 9.93 -6.43
CA ALA C 20 15.53 10.23 -7.32
C ALA C 20 15.28 11.53 -8.08
N GLU C 21 16.18 12.50 -7.89
CA GLU C 21 16.08 13.79 -8.55
C GLU C 21 15.84 13.65 -10.05
N GLU C 22 16.75 12.95 -10.72
CA GLU C 22 16.64 12.74 -12.16
C GLU C 22 16.49 11.26 -12.48
N SER C 23 15.33 10.71 -12.17
CA SER C 23 15.05 9.29 -12.42
C SER C 23 14.54 9.06 -13.83
N THR C 24 13.62 9.92 -14.28
CA THR C 24 13.05 9.81 -15.61
C THR C 24 12.18 8.56 -15.75
N GLN C 25 11.56 8.15 -14.64
CA GLN C 25 10.70 6.97 -14.65
C GLN C 25 9.37 7.33 -15.31
N VAL C 26 8.99 8.60 -15.18
CA VAL C 26 7.75 9.09 -15.76
C VAL C 26 7.82 8.97 -17.28
N GLU C 27 8.91 9.47 -17.87
CA GLU C 27 9.10 9.41 -19.31
C GLU C 27 9.17 7.96 -19.78
N GLU C 28 9.80 7.12 -18.96
CA GLU C 28 9.93 5.70 -19.27
C GLU C 28 8.56 5.04 -19.29
N LEU C 29 7.74 5.32 -18.27
CA LEU C 29 6.41 4.75 -18.22
C LEU C 29 5.57 5.25 -19.39
N GLU C 30 5.70 6.54 -19.70
CA GLU C 30 4.96 7.14 -20.81
C GLU C 30 5.42 6.54 -22.13
N ARG C 31 6.69 6.18 -22.21
CA ARG C 31 7.25 5.58 -23.41
C ARG C 31 6.61 4.21 -23.61
N ASP C 32 6.36 3.52 -22.50
CA ASP C 32 5.75 2.20 -22.52
C ASP C 32 4.26 2.27 -22.82
N GLY C 33 3.73 3.48 -22.94
CA GLY C 33 2.32 3.65 -23.25
C GLY C 33 1.41 3.98 -22.09
N TRP C 34 1.97 4.17 -20.89
CA TRP C 34 1.16 4.52 -19.73
C TRP C 34 0.88 6.00 -19.67
N LYS C 35 -0.25 6.36 -19.07
CA LYS C 35 -0.61 7.75 -18.85
C LYS C 35 -0.29 7.88 -17.36
N VAL C 36 0.50 8.88 -16.99
CA VAL C 36 0.92 9.04 -15.61
C VAL C 36 0.70 10.43 -15.03
N CYS C 37 0.41 10.46 -13.74
CA CYS C 37 0.19 11.70 -13.01
C CYS C 37 0.78 11.54 -11.61
N LEU C 38 1.51 12.55 -11.16
CA LEU C 38 2.12 12.56 -9.84
C LEU C 38 1.75 13.85 -9.15
N GLY C 39 1.48 13.78 -7.85
CA GLY C 39 1.12 14.97 -7.12
C GLY C 39 1.29 14.83 -5.62
N LYS C 40 0.91 15.86 -4.90
CA LYS C 40 1.00 15.86 -3.45
C LYS C 40 -0.15 16.67 -2.90
N VAL C 41 -0.61 16.29 -1.71
CA VAL C 41 -1.71 16.99 -1.07
C VAL C 41 -1.73 16.61 0.39
N GLY C 42 -2.02 17.60 1.23
CA GLY C 42 -2.10 17.38 2.67
C GLY C 42 -3.37 18.05 3.14
N SER C 43 -4.08 17.42 4.07
CA SER C 43 -5.32 18.01 4.53
C SER C 43 -5.95 17.25 5.69
N MET C 44 -6.93 17.87 6.31
CA MET C 44 -7.70 17.26 7.38
C MET C 44 -9.08 16.99 6.81
N ASP C 45 -9.24 17.28 5.52
CA ASP C 45 -10.50 17.07 4.81
C ASP C 45 -10.30 16.08 3.67
N ALA C 46 -10.94 14.93 3.76
CA ALA C 46 -10.82 13.91 2.73
C ALA C 46 -11.21 14.45 1.35
N HIS C 47 -12.23 15.31 1.30
CA HIS C 47 -12.66 15.83 0.00
C HIS C 47 -11.57 16.61 -0.73
N LYS C 48 -10.65 17.21 0.02
CA LYS C 48 -9.57 17.96 -0.61
C LYS C 48 -8.56 17.00 -1.23
N VAL C 49 -8.43 15.81 -0.64
CA VAL C 49 -7.52 14.81 -1.17
C VAL C 49 -8.10 14.28 -2.49
N ILE C 50 -9.39 13.97 -2.45
CA ILE C 50 -10.08 13.45 -3.63
C ILE C 50 -10.01 14.47 -4.77
N ALA C 51 -10.27 15.74 -4.45
CA ALA C 51 -10.24 16.80 -5.45
C ALA C 51 -8.87 17.01 -6.07
N ALA C 52 -7.83 16.96 -5.23
CA ALA C 52 -6.46 17.14 -5.72
C ALA C 52 -6.12 16.07 -6.75
N ILE C 53 -6.49 14.83 -6.44
CA ILE C 53 -6.21 13.70 -7.32
C ILE C 53 -6.99 13.82 -8.63
N GLU C 54 -8.25 14.21 -8.55
CA GLU C 54 -9.07 14.35 -9.74
C GLU C 54 -8.55 15.45 -10.64
N THR C 55 -8.30 16.61 -10.06
CA THR C 55 -7.83 17.77 -10.80
C THR C 55 -6.48 17.49 -11.48
N ALA C 56 -5.57 16.86 -10.76
CA ALA C 56 -4.26 16.53 -11.31
C ALA C 56 -4.39 15.53 -12.45
N SER C 57 -5.28 14.56 -12.29
CA SER C 57 -5.48 13.53 -13.30
C SER C 57 -6.07 14.09 -14.59
N LYS C 58 -6.97 15.07 -14.45
CA LYS C 58 -7.60 15.67 -15.61
C LYS C 58 -6.66 16.65 -16.31
N LYS C 59 -5.88 17.38 -15.53
CA LYS C 59 -4.94 18.34 -16.10
C LYS C 59 -3.81 17.65 -16.86
N SER C 60 -3.34 16.53 -16.32
CA SER C 60 -2.25 15.77 -16.93
C SER C 60 -2.72 14.86 -18.06
N GLY C 61 -4.03 14.83 -18.29
CA GLY C 61 -4.58 14.01 -19.36
C GLY C 61 -4.67 12.52 -19.07
N VAL C 62 -4.63 12.12 -17.81
CA VAL C 62 -4.72 10.71 -17.46
C VAL C 62 -6.14 10.20 -17.66
N ILE C 63 -7.12 11.06 -17.42
CA ILE C 63 -8.51 10.71 -17.65
C ILE C 63 -9.16 11.89 -18.38
N GLN C 64 -10.22 11.61 -19.13
CA GLN C 64 -10.93 12.64 -19.88
C GLN C 64 -11.55 13.66 -18.94
N SER C 65 -11.47 14.93 -19.31
CA SER C 65 -12.03 16.01 -18.52
C SER C 65 -13.53 16.13 -18.73
N GLU C 66 -14.01 15.66 -19.88
CA GLU C 66 -15.44 15.72 -20.19
C GLU C 66 -16.08 14.37 -19.93
N GLY C 67 -17.40 14.38 -19.71
CA GLY C 67 -18.09 13.13 -19.46
C GLY C 67 -18.00 12.66 -18.03
N TYR C 68 -18.74 11.60 -17.72
CA TYR C 68 -18.75 11.05 -16.36
C TYR C 68 -17.99 9.74 -16.21
N ARG C 69 -18.11 8.86 -17.20
CA ARG C 69 -17.47 7.55 -17.17
C ARG C 69 -16.09 7.46 -16.51
N GLU C 70 -15.13 8.20 -17.05
CA GLU C 70 -13.78 8.14 -16.51
C GLU C 70 -13.64 8.77 -15.15
N SER C 71 -14.44 9.79 -14.86
CA SER C 71 -14.42 10.43 -13.55
C SER C 71 -14.98 9.44 -12.54
N HIS C 72 -15.98 8.67 -12.97
CA HIS C 72 -16.60 7.66 -12.11
C HIS C 72 -15.57 6.59 -11.75
N ALA C 73 -14.82 6.14 -12.74
CA ALA C 73 -13.80 5.13 -12.50
C ALA C 73 -12.73 5.64 -11.54
N LEU C 74 -12.29 6.88 -11.74
CA LEU C 74 -11.27 7.47 -10.90
C LEU C 74 -11.76 7.68 -9.47
N TYR C 75 -13.00 8.11 -9.32
CA TYR C 75 -13.54 8.33 -7.98
C TYR C 75 -13.52 7.05 -7.16
N HIS C 76 -14.00 5.95 -7.74
CA HIS C 76 -14.03 4.70 -7.00
C HIS C 76 -12.63 4.15 -6.73
N ALA C 77 -11.70 4.37 -7.65
CA ALA C 77 -10.33 3.91 -7.42
C ALA C 77 -9.75 4.73 -6.27
N THR C 78 -10.08 6.01 -6.22
CA THR C 78 -9.58 6.87 -5.15
C THR C 78 -10.17 6.43 -3.80
N MET C 79 -11.45 6.07 -3.80
CA MET C 79 -12.11 5.60 -2.58
C MET C 79 -11.42 4.35 -2.07
N GLU C 80 -11.10 3.43 -2.98
CA GLU C 80 -10.44 2.20 -2.56
C GLU C 80 -9.06 2.48 -1.99
N ALA C 81 -8.34 3.43 -2.59
CA ALA C 81 -7.02 3.78 -2.08
C ALA C 81 -7.16 4.41 -0.70
N LEU C 82 -8.19 5.20 -0.48
CA LEU C 82 -8.40 5.85 0.81
C LEU C 82 -8.68 4.84 1.92
N HIS C 83 -9.19 3.66 1.57
CA HIS C 83 -9.45 2.65 2.59
C HIS C 83 -8.16 2.23 3.27
N GLY C 84 -7.09 2.09 2.49
CA GLY C 84 -5.81 1.70 3.06
C GLY C 84 -5.24 2.79 3.94
N VAL C 85 -5.53 4.04 3.57
CA VAL C 85 -5.03 5.17 4.32
C VAL C 85 -5.79 5.38 5.63
N THR C 86 -7.11 5.28 5.58
CA THR C 86 -7.95 5.51 6.75
C THR C 86 -8.24 4.30 7.62
N ARG C 87 -8.15 3.10 7.05
CA ARG C 87 -8.35 1.85 7.79
C ARG C 87 -9.57 1.72 8.71
N GLY C 88 -10.77 1.87 8.17
CA GLY C 88 -11.95 1.71 8.99
C GLY C 88 -12.98 2.80 8.87
N GLU C 89 -12.55 4.03 9.10
CA GLU C 89 -13.44 5.18 9.01
C GLU C 89 -12.80 6.15 8.03
N MET C 90 -13.50 6.45 6.94
CA MET C 90 -12.95 7.35 5.93
C MET C 90 -13.15 8.78 6.39
N LEU C 91 -12.51 9.10 7.50
CA LEU C 91 -12.59 10.42 8.13
C LEU C 91 -11.21 10.86 8.60
N LEU C 92 -10.94 12.16 8.48
CA LEU C 92 -9.67 12.71 8.91
C LEU C 92 -9.91 13.70 10.05
N GLY C 93 -10.13 14.98 9.71
CA GLY C 93 -10.36 15.98 10.73
C GLY C 93 -11.44 15.66 11.75
N SER C 94 -12.53 15.03 11.31
CA SER C 94 -13.62 14.69 12.22
C SER C 94 -13.15 13.72 13.29
N LEU C 95 -12.07 12.99 13.03
CA LEU C 95 -11.53 12.05 14.01
C LEU C 95 -10.20 12.56 14.54
N LEU C 96 -10.02 13.88 14.48
CA LEU C 96 -8.82 14.54 14.96
C LEU C 96 -7.51 14.03 14.37
N ARG C 97 -7.50 13.81 13.05
CA ARG C 97 -6.27 13.39 12.40
C ARG C 97 -6.12 14.10 11.06
N THR C 98 -4.87 14.16 10.62
CA THR C 98 -4.51 14.84 9.38
C THR C 98 -3.59 13.96 8.56
N VAL C 99 -3.58 14.17 7.25
CA VAL C 99 -2.71 13.40 6.37
C VAL C 99 -1.86 14.30 5.47
N GLY C 100 -0.67 13.82 5.17
CA GLY C 100 0.25 14.51 4.28
C GLY C 100 0.57 13.41 3.28
N LEU C 101 0.15 13.59 2.03
CA LEU C 101 0.35 12.54 1.04
C LEU C 101 0.98 12.93 -0.29
N ARG C 102 1.54 11.92 -0.93
CA ARG C 102 2.10 12.03 -2.26
C ARG C 102 1.22 11.00 -2.96
N PHE C 103 0.87 11.24 -4.21
CA PHE C 103 0.02 10.31 -4.93
C PHE C 103 0.48 10.13 -6.36
N ALA C 104 0.09 8.99 -6.91
CA ALA C 104 0.41 8.68 -8.29
C ALA C 104 -0.82 8.02 -8.89
N VAL C 105 -1.14 8.38 -10.13
CA VAL C 105 -2.26 7.79 -10.82
C VAL C 105 -1.70 7.28 -12.14
N LEU C 106 -1.90 5.99 -12.38
CA LEU C 106 -1.38 5.36 -13.58
C LEU C 106 -2.53 4.75 -14.37
N ARG C 107 -2.49 4.90 -15.68
CA ARG C 107 -3.55 4.37 -16.53
C ARG C 107 -3.02 3.59 -17.73
N GLY C 108 -3.51 2.37 -17.89
CA GLY C 108 -3.08 1.53 -19.00
C GLY C 108 -3.61 0.13 -18.80
N ASN C 109 -3.23 -0.77 -19.71
CA ASN C 109 -3.69 -2.17 -19.65
C ASN C 109 -2.61 -3.06 -19.03
N PRO C 110 -2.85 -3.59 -17.82
CA PRO C 110 -1.89 -4.45 -17.15
C PRO C 110 -1.98 -5.94 -17.50
N TYR C 111 -2.94 -6.29 -18.35
CA TYR C 111 -3.15 -7.69 -18.73
C TYR C 111 -2.50 -8.09 -20.04
N GLU C 112 -2.38 -9.41 -20.23
CA GLU C 112 -1.79 -9.95 -21.45
C GLU C 112 -2.73 -9.72 -22.62
N SER C 113 -4.04 -9.84 -22.36
CA SER C 113 -5.05 -9.64 -23.38
C SER C 113 -5.38 -8.17 -23.57
N GLU C 114 -5.31 -7.70 -24.81
CA GLU C 114 -5.60 -6.30 -25.12
C GLU C 114 -7.08 -6.00 -24.95
N ALA C 115 -7.89 -7.04 -24.94
CA ALA C 115 -9.34 -6.88 -24.79
C ALA C 115 -9.74 -6.43 -23.38
N GLU C 116 -8.79 -6.48 -22.45
CA GLU C 116 -9.07 -6.06 -21.09
C GLU C 116 -9.18 -4.54 -20.98
N GLY C 117 -8.74 -3.84 -22.02
CA GLY C 117 -8.82 -2.40 -22.02
C GLY C 117 -7.95 -1.72 -20.96
N ASP C 118 -8.22 -0.44 -20.73
CA ASP C 118 -7.48 0.34 -19.76
C ASP C 118 -8.00 0.18 -18.34
N TRP C 119 -7.07 0.24 -17.40
CA TRP C 119 -7.38 0.17 -15.99
C TRP C 119 -6.67 1.35 -15.37
N ILE C 120 -7.04 1.69 -14.14
CA ILE C 120 -6.42 2.82 -13.49
C ILE C 120 -6.08 2.46 -12.06
N ALA C 121 -4.91 2.94 -11.63
CA ALA C 121 -4.45 2.70 -10.26
C ALA C 121 -4.16 4.03 -9.61
N VAL C 122 -4.65 4.18 -8.37
CA VAL C 122 -4.42 5.38 -7.58
C VAL C 122 -3.64 4.90 -6.37
N SER C 123 -2.43 5.44 -6.18
CA SER C 123 -1.60 5.05 -5.06
C SER C 123 -1.28 6.25 -4.20
N LEU C 124 -1.32 6.03 -2.89
CA LEU C 124 -1.08 7.07 -1.91
C LEU C 124 -0.04 6.66 -0.89
N TYR C 125 0.83 7.59 -0.52
CA TYR C 125 1.84 7.34 0.48
C TYR C 125 2.19 8.63 1.21
N GLY C 126 2.28 8.53 2.53
CA GLY C 126 2.62 9.70 3.33
C GLY C 126 2.53 9.37 4.79
N THR C 127 2.03 10.33 5.55
CA THR C 127 1.89 10.15 6.98
C THR C 127 0.50 10.58 7.44
N ILE C 128 0.06 9.97 8.53
CA ILE C 128 -1.24 10.28 9.12
C ILE C 128 -0.98 10.42 10.62
N GLY C 129 -1.66 11.36 11.27
CA GLY C 129 -1.45 11.51 12.69
C GLY C 129 -2.27 12.61 13.33
N ALA C 130 -1.92 12.94 14.57
CA ALA C 130 -2.59 14.00 15.30
C ALA C 130 -2.14 15.30 14.65
N PRO C 131 -2.92 16.38 14.83
CA PRO C 131 -2.57 17.68 14.25
C PRO C 131 -1.39 18.35 14.95
N ILE C 132 -0.29 17.63 15.13
CA ILE C 132 0.91 18.17 15.74
C ILE C 132 2.08 17.49 15.06
N LYS C 133 2.93 18.28 14.42
CA LYS C 133 4.08 17.74 13.71
C LYS C 133 4.85 16.71 14.53
N GLY C 134 5.11 15.56 13.93
CA GLY C 134 5.85 14.53 14.63
C GLY C 134 5.01 13.42 15.22
N LEU C 135 3.78 13.74 15.62
CA LEU C 135 2.88 12.74 16.20
C LEU C 135 2.15 12.09 15.04
N GLU C 136 2.89 11.28 14.29
CA GLU C 136 2.34 10.65 13.10
C GLU C 136 3.15 9.41 12.71
N HIS C 137 2.55 8.60 11.85
CA HIS C 137 3.23 7.43 11.30
C HIS C 137 2.84 7.32 9.84
N GLU C 138 3.51 6.43 9.11
CA GLU C 138 3.23 6.28 7.69
C GLU C 138 1.87 5.69 7.38
N THR C 139 1.43 5.93 6.14
CA THR C 139 0.15 5.41 5.68
C THR C 139 0.28 5.16 4.18
N PHE C 140 -0.43 4.14 3.70
CA PHE C 140 -0.41 3.74 2.29
C PHE C 140 -1.81 3.34 1.83
N GLY C 141 -2.05 3.47 0.53
CA GLY C 141 -3.32 3.06 -0.02
C GLY C 141 -3.23 2.89 -1.53
N VAL C 142 -3.81 1.81 -2.05
CA VAL C 142 -3.81 1.56 -3.49
C VAL C 142 -5.20 1.11 -3.91
N GLY C 143 -5.74 1.78 -4.93
CA GLY C 143 -7.04 1.42 -5.47
C GLY C 143 -6.88 1.15 -6.95
N ILE C 144 -7.55 0.10 -7.44
CA ILE C 144 -7.48 -0.29 -8.85
C ILE C 144 -8.88 -0.44 -9.42
N ASN C 145 -9.10 0.05 -10.63
CA ASN C 145 -10.42 -0.03 -11.25
C ASN C 145 -10.30 -0.10 -12.77
N HIS C 146 -11.34 -0.59 -13.44
CA HIS C 146 -11.31 -0.63 -14.89
C HIS C 146 -11.81 0.73 -15.37
N ILE C 147 -11.35 1.17 -16.54
CA ILE C 147 -11.71 2.48 -17.06
C ILE C 147 -11.69 2.48 -18.59
N THR D 1 8.99 12.64 15.51
CA THR D 1 9.56 12.94 14.16
C THR D 1 10.15 11.69 13.53
N LEU D 2 9.65 11.32 12.35
CA LEU D 2 10.14 10.14 11.64
C LEU D 2 11.52 10.40 11.03
N HIS D 3 12.44 9.45 11.24
CA HIS D 3 13.79 9.56 10.71
C HIS D 3 13.75 9.16 9.23
N LYS D 4 14.18 10.06 8.35
CA LYS D 4 14.17 9.82 6.91
C LYS D 4 14.78 8.48 6.48
N GLU D 5 15.85 8.06 7.15
CA GLU D 5 16.54 6.82 6.81
C GLU D 5 15.96 5.59 7.50
N ARG D 6 14.91 5.78 8.30
CA ARG D 6 14.32 4.66 9.03
C ARG D 6 12.81 4.57 8.87
N ARG D 7 12.31 4.96 7.71
CA ARG D 7 10.87 4.91 7.46
C ARG D 7 10.41 3.46 7.28
N ILE D 8 10.02 2.85 8.41
CA ILE D 8 9.60 1.47 8.48
C ILE D 8 8.55 1.05 7.44
N GLY D 9 7.58 1.91 7.19
CA GLY D 9 6.56 1.58 6.19
C GLY D 9 7.14 1.47 4.79
N ARG D 10 7.80 2.53 4.34
CA ARG D 10 8.41 2.56 3.02
C ARG D 10 9.43 1.43 2.83
N LEU D 11 10.21 1.16 3.87
CA LEU D 11 11.21 0.09 3.80
C LEU D 11 10.58 -1.29 3.65
N SER D 12 9.50 -1.53 4.40
CA SER D 12 8.84 -2.83 4.33
C SER D 12 8.24 -3.07 2.95
N VAL D 13 7.71 -2.01 2.35
CA VAL D 13 7.09 -2.10 1.03
C VAL D 13 8.12 -2.31 -0.08
N LEU D 14 9.24 -1.60 0.00
CA LEU D 14 10.29 -1.74 -1.01
C LEU D 14 10.88 -3.14 -0.95
N LEU D 15 10.91 -3.73 0.24
CA LEU D 15 11.43 -5.08 0.41
C LEU D 15 10.46 -6.07 -0.23
N LEU D 16 9.18 -5.91 0.07
CA LEU D 16 8.16 -6.79 -0.46
C LEU D 16 8.01 -6.70 -1.97
N LEU D 17 8.16 -5.49 -2.51
CA LEU D 17 8.01 -5.28 -3.95
C LEU D 17 9.24 -5.54 -4.80
N ASN D 18 10.21 -6.26 -4.24
CA ASN D 18 11.43 -6.59 -4.98
C ASN D 18 11.50 -8.09 -5.20
N GLU D 19 12.15 -8.49 -6.29
CA GLU D 19 12.25 -9.91 -6.63
C GLU D 19 13.64 -10.33 -7.05
N ALA D 20 14.65 -9.57 -6.63
CA ALA D 20 16.04 -9.88 -6.98
C ALA D 20 16.45 -11.23 -6.41
N GLU D 21 17.06 -12.06 -7.26
CA GLU D 21 17.52 -13.38 -6.86
C GLU D 21 18.38 -13.30 -5.60
N GLU D 22 19.17 -12.23 -5.50
CA GLU D 22 20.05 -12.02 -4.37
C GLU D 22 20.33 -10.54 -4.16
N SER D 23 19.46 -9.88 -3.41
CA SER D 23 19.61 -8.46 -3.13
C SER D 23 20.21 -8.26 -1.74
N THR D 24 20.18 -9.32 -0.94
CA THR D 24 20.72 -9.29 0.41
C THR D 24 20.15 -8.08 1.16
N GLN D 25 18.92 -7.71 0.84
CA GLN D 25 18.28 -6.58 1.48
C GLN D 25 17.87 -6.93 2.90
N VAL D 26 17.61 -8.21 3.14
CA VAL D 26 17.23 -8.68 4.47
C VAL D 26 18.39 -8.49 5.43
N GLU D 27 19.55 -9.03 5.08
CA GLU D 27 20.74 -8.93 5.90
C GLU D 27 21.13 -7.46 6.13
N GLU D 28 20.87 -6.63 5.12
CA GLU D 28 21.17 -5.21 5.20
C GLU D 28 20.28 -4.55 6.25
N LEU D 29 18.99 -4.84 6.20
CA LEU D 29 18.05 -4.28 7.17
C LEU D 29 18.40 -4.78 8.57
N GLU D 30 18.74 -6.05 8.67
CA GLU D 30 19.10 -6.66 9.94
C GLU D 30 20.38 -6.05 10.49
N ARG D 31 21.31 -5.72 9.60
CA ARG D 31 22.56 -5.12 10.02
C ARG D 31 22.27 -3.75 10.62
N ASP D 32 21.24 -3.09 10.10
CA ASP D 32 20.84 -1.78 10.57
C ASP D 32 20.01 -1.85 11.85
N GLY D 33 19.81 -3.06 12.37
CA GLY D 33 19.06 -3.23 13.60
C GLY D 33 17.61 -3.65 13.48
N TRP D 34 17.10 -3.76 12.26
CA TRP D 34 15.71 -4.15 12.06
C TRP D 34 15.52 -5.66 12.19
N LYS D 35 14.35 -6.06 12.66
CA LYS D 35 14.00 -7.48 12.76
C LYS D 35 13.10 -7.64 11.54
N VAL D 36 13.41 -8.62 10.69
CA VAL D 36 12.65 -8.80 9.46
C VAL D 36 12.12 -10.20 9.25
N CYS D 37 10.95 -10.26 8.61
CA CYS D 37 10.29 -11.52 8.28
C CYS D 37 9.62 -11.36 6.92
N LEU D 38 9.82 -12.35 6.05
CA LEU D 38 9.21 -12.35 4.73
C LEU D 38 8.46 -13.65 4.54
N GLY D 39 7.33 -13.59 3.87
CA GLY D 39 6.56 -14.80 3.63
C GLY D 39 5.56 -14.66 2.51
N LYS D 40 4.78 -15.72 2.33
CA LYS D 40 3.78 -15.75 1.29
C LYS D 40 2.63 -16.63 1.75
N VAL D 41 1.42 -16.23 1.38
CA VAL D 41 0.23 -16.97 1.75
C VAL D 41 -0.90 -16.64 0.79
N GLY D 42 -1.67 -17.66 0.44
CA GLY D 42 -2.81 -17.50 -0.46
C GLY D 42 -3.98 -18.20 0.19
N SER D 43 -5.17 -17.62 0.08
CA SER D 43 -6.34 -18.25 0.71
C SER D 43 -7.63 -17.51 0.45
N MET D 44 -8.74 -18.19 0.76
CA MET D 44 -10.07 -17.61 0.64
C MET D 44 -10.56 -17.39 2.07
N ASP D 45 -9.67 -17.64 3.03
CA ASP D 45 -9.99 -17.46 4.45
C ASP D 45 -9.01 -16.45 5.06
N ALA D 46 -9.54 -15.32 5.51
CA ALA D 46 -8.69 -14.30 6.11
C ALA D 46 -7.92 -14.81 7.32
N HIS D 47 -8.53 -15.71 8.09
CA HIS D 47 -7.84 -16.21 9.28
C HIS D 47 -6.55 -16.96 8.95
N LYS D 48 -6.49 -17.55 7.76
CA LYS D 48 -5.28 -18.26 7.34
C LYS D 48 -4.18 -17.26 7.01
N VAL D 49 -4.57 -16.09 6.51
CA VAL D 49 -3.61 -15.04 6.19
C VAL D 49 -3.04 -14.51 7.49
N ILE D 50 -3.91 -14.24 8.45
CA ILE D 50 -3.51 -13.72 9.75
C ILE D 50 -2.57 -14.70 10.44
N ALA D 51 -2.93 -15.99 10.41
CA ALA D 51 -2.11 -17.03 11.05
C ALA D 51 -0.74 -17.19 10.41
N ALA D 52 -0.68 -17.11 9.09
CA ALA D 52 0.58 -17.25 8.38
C ALA D 52 1.55 -16.15 8.80
N ILE D 53 1.04 -14.93 8.89
CA ILE D 53 1.84 -13.78 9.29
C ILE D 53 2.31 -13.91 10.74
N GLU D 54 1.41 -14.33 11.62
CA GLU D 54 1.75 -14.49 13.03
C GLU D 54 2.82 -15.56 13.22
N THR D 55 2.59 -16.72 12.61
CA THR D 55 3.52 -17.83 12.72
C THR D 55 4.90 -17.51 12.17
N ALA D 56 4.95 -16.84 11.02
CA ALA D 56 6.23 -16.48 10.42
C ALA D 56 6.97 -15.46 11.29
N SER D 57 6.22 -14.52 11.85
CA SER D 57 6.81 -13.49 12.69
C SER D 57 7.40 -14.06 13.96
N LYS D 58 6.73 -15.05 14.54
CA LYS D 58 7.21 -15.66 15.78
C LYS D 58 8.38 -16.61 15.53
N LYS D 59 8.34 -17.33 14.42
CA LYS D 59 9.43 -18.26 14.09
C LYS D 59 10.71 -17.51 13.74
N SER D 60 10.57 -16.36 13.08
CA SER D 60 11.71 -15.55 12.68
C SER D 60 12.24 -14.65 13.79
N GLY D 61 11.53 -14.63 14.92
CA GLY D 61 11.96 -13.82 16.04
C GLY D 61 11.63 -12.34 15.94
N VAL D 62 10.72 -11.97 15.05
CA VAL D 62 10.34 -10.57 14.89
C VAL D 62 9.54 -10.10 16.10
N ILE D 63 8.79 -11.02 16.71
CA ILE D 63 8.04 -10.69 17.92
C ILE D 63 8.15 -11.88 18.87
N GLN D 64 7.97 -11.62 20.17
CA GLN D 64 8.05 -12.66 21.19
C GLN D 64 7.01 -13.75 20.98
N SER D 65 7.42 -15.00 21.18
CA SER D 65 6.53 -16.14 21.03
C SER D 65 5.68 -16.28 22.30
N GLU D 66 6.21 -15.79 23.42
CA GLU D 66 5.52 -15.86 24.70
C GLU D 66 4.83 -14.54 25.03
N GLY D 67 3.81 -14.61 25.88
CA GLY D 67 3.10 -13.40 26.27
C GLY D 67 2.09 -12.95 25.24
N TYR D 68 1.32 -11.92 25.60
CA TYR D 68 0.29 -11.40 24.71
C TYR D 68 0.64 -10.06 24.06
N ARG D 69 1.27 -9.17 24.83
CA ARG D 69 1.61 -7.84 24.34
C ARG D 69 2.04 -7.71 22.87
N GLU D 70 3.09 -8.43 22.49
CA GLU D 70 3.57 -8.33 21.13
C GLU D 70 2.64 -8.98 20.12
N SER D 71 1.95 -10.04 20.51
CA SER D 71 1.01 -10.69 19.62
C SER D 71 -0.15 -9.71 19.39
N HIS D 72 -0.52 -8.98 20.44
CA HIS D 72 -1.60 -8.00 20.34
C HIS D 72 -1.23 -6.91 19.34
N ALA D 73 0.00 -6.43 19.44
CA ALA D 73 0.47 -5.38 18.55
C ALA D 73 0.46 -5.86 17.10
N LEU D 74 0.94 -7.08 16.87
CA LEU D 74 1.00 -7.64 15.53
C LEU D 74 -0.40 -7.90 14.95
N TYR D 75 -1.32 -8.37 15.78
CA TYR D 75 -2.67 -8.65 15.31
C TYR D 75 -3.32 -7.37 14.77
N HIS D 76 -3.23 -6.29 15.53
CA HIS D 76 -3.84 -5.05 15.08
C HIS D 76 -3.15 -4.46 13.87
N ALA D 77 -1.83 -4.65 13.76
CA ALA D 77 -1.11 -4.17 12.59
C ALA D 77 -1.57 -4.96 11.37
N THR D 78 -1.79 -6.27 11.55
CA THR D 78 -2.25 -7.10 10.46
C THR D 78 -3.66 -6.69 10.03
N MET D 79 -4.52 -6.39 11.00
CA MET D 79 -5.88 -5.95 10.71
C MET D 79 -5.83 -4.69 9.87
N GLU D 80 -4.98 -3.75 10.26
CA GLU D 80 -4.88 -2.50 9.52
C GLU D 80 -4.40 -2.74 8.09
N ALA D 81 -3.44 -3.64 7.91
CA ALA D 81 -2.95 -3.95 6.58
C ALA D 81 -4.06 -4.61 5.75
N LEU D 82 -4.87 -5.44 6.40
CA LEU D 82 -5.95 -6.11 5.69
C LEU D 82 -7.01 -5.14 5.17
N HIS D 83 -7.12 -3.98 5.79
CA HIS D 83 -8.10 -2.99 5.32
C HIS D 83 -7.75 -2.54 3.92
N GLY D 84 -6.47 -2.37 3.64
CA GLY D 84 -6.05 -1.95 2.32
C GLY D 84 -6.31 -3.02 1.29
N VAL D 85 -6.19 -4.27 1.73
CA VAL D 85 -6.41 -5.41 0.85
C VAL D 85 -7.88 -5.66 0.55
N THR D 86 -8.72 -5.59 1.58
CA THR D 86 -10.14 -5.87 1.42
C THR D 86 -11.03 -4.68 1.09
N ARG D 87 -10.57 -3.47 1.43
CA ARG D 87 -11.29 -2.24 1.10
C ARG D 87 -12.79 -2.15 1.41
N GLY D 88 -13.16 -2.31 2.68
CA GLY D 88 -14.56 -2.18 3.03
C GLY D 88 -15.13 -3.32 3.85
N GLU D 89 -14.96 -4.54 3.34
CA GLU D 89 -15.48 -5.72 4.02
C GLU D 89 -14.29 -6.66 4.21
N MET D 90 -13.93 -6.96 5.45
CA MET D 90 -12.79 -7.82 5.71
C MET D 90 -13.20 -9.28 5.52
N LEU D 91 -13.60 -9.60 4.29
CA LEU D 91 -14.07 -10.93 3.91
C LEU D 91 -13.50 -11.34 2.57
N LEU D 92 -13.20 -12.63 2.43
CA LEU D 92 -12.67 -13.15 1.18
C LEU D 92 -13.64 -14.17 0.58
N GLY D 93 -13.50 -15.44 0.94
CA GLY D 93 -14.38 -16.46 0.42
C GLY D 93 -15.85 -16.18 0.56
N SER D 94 -16.25 -15.62 1.69
CA SER D 94 -17.67 -15.31 1.92
C SER D 94 -18.20 -14.33 0.88
N LEU D 95 -17.31 -13.56 0.26
CA LEU D 95 -17.73 -12.62 -0.77
C LEU D 95 -17.24 -13.09 -2.13
N LEU D 96 -17.02 -14.40 -2.23
CA LEU D 96 -16.58 -15.02 -3.47
C LEU D 96 -15.28 -14.46 -4.06
N ARG D 97 -14.30 -14.21 -3.20
CA ARG D 97 -13.01 -13.75 -3.68
C ARG D 97 -11.88 -14.43 -2.94
N THR D 98 -10.72 -14.46 -3.58
CA THR D 98 -9.54 -15.10 -3.05
C THR D 98 -8.33 -14.18 -3.19
N VAL D 99 -7.34 -14.35 -2.31
CA VAL D 99 -6.12 -13.55 -2.38
C VAL D 99 -4.88 -14.42 -2.43
N GLY D 100 -3.87 -13.89 -3.12
CA GLY D 100 -2.57 -14.54 -3.24
C GLY D 100 -1.65 -13.43 -2.79
N LEU D 101 -0.99 -13.60 -1.66
CA LEU D 101 -0.14 -12.54 -1.14
C LEU D 101 1.27 -12.88 -0.73
N ARG D 102 2.11 -11.85 -0.74
CA ARG D 102 3.48 -11.94 -0.25
C ARG D 102 3.38 -10.92 0.88
N PHE D 103 4.09 -11.14 1.97
CA PHE D 103 4.05 -10.22 3.07
C PHE D 103 5.41 -9.99 3.67
N ALA D 104 5.54 -8.86 4.35
CA ALA D 104 6.77 -8.50 5.03
C ALA D 104 6.40 -7.90 6.36
N VAL D 105 7.15 -8.25 7.40
CA VAL D 105 6.91 -7.71 8.72
C VAL D 105 8.24 -7.15 9.16
N LEU D 106 8.26 -5.86 9.50
CA LEU D 106 9.47 -5.19 9.93
C LEU D 106 9.26 -4.61 11.32
N ARG D 107 10.28 -4.71 12.16
CA ARG D 107 10.19 -4.19 13.52
C ARG D 107 11.41 -3.39 13.91
N GLY D 108 11.18 -2.19 14.43
CA GLY D 108 12.26 -1.32 14.84
C GLY D 108 11.73 0.05 15.14
N ASN D 109 12.62 0.98 15.47
CA ASN D 109 12.24 2.35 15.79
C ASN D 109 12.46 3.26 14.57
N PRO D 110 11.36 3.78 13.98
CA PRO D 110 11.46 4.65 12.81
C PRO D 110 11.61 6.14 13.15
N TYR D 111 11.62 6.46 14.44
CA TYR D 111 11.72 7.85 14.86
C TYR D 111 13.12 8.29 15.24
N GLU D 112 13.32 9.60 15.30
CA GLU D 112 14.61 10.17 15.64
C GLU D 112 14.87 9.95 17.13
N SER D 113 13.80 10.02 17.93
CA SER D 113 13.89 9.84 19.37
C SER D 113 13.86 8.36 19.74
N GLU D 114 14.85 7.93 20.52
CA GLU D 114 14.94 6.53 20.95
C GLU D 114 13.84 6.20 21.94
N ALA D 115 13.23 7.23 22.52
CA ALA D 115 12.16 7.03 23.50
C ALA D 115 10.89 6.50 22.85
N GLU D 116 10.83 6.57 21.52
CA GLU D 116 9.66 6.08 20.80
C GLU D 116 9.59 4.56 20.79
N GLY D 117 10.69 3.91 21.15
CA GLY D 117 10.71 2.46 21.17
C GLY D 117 10.46 1.78 19.84
N ASP D 118 10.14 0.50 19.88
CA ASP D 118 9.89 -0.28 18.68
C ASP D 118 8.47 -0.15 18.13
N TRP D 119 8.39 -0.22 16.81
CA TRP D 119 7.13 -0.18 16.09
C TRP D 119 7.16 -1.34 15.14
N ILE D 120 6.00 -1.71 14.62
CA ILE D 120 5.96 -2.82 13.69
C ILE D 120 5.12 -2.46 12.48
N ALA D 121 5.57 -2.92 11.31
CA ALA D 121 4.85 -2.67 10.08
C ALA D 121 4.60 -4.00 9.40
N VAL D 122 3.35 -4.19 8.97
CA VAL D 122 2.95 -5.40 8.25
C VAL D 122 2.56 -4.92 6.85
N SER D 123 3.21 -5.42 5.81
CA SER D 123 2.90 -5.00 4.45
C SER D 123 2.51 -6.21 3.62
N LEU D 124 1.47 -6.02 2.81
CA LEU D 124 0.93 -7.06 1.97
C LEU D 124 0.84 -6.62 0.52
N TYR D 125 1.18 -7.53 -0.39
CA TYR D 125 1.08 -7.26 -1.82
C TYR D 125 0.81 -8.54 -2.58
N GLY D 126 -0.12 -8.45 -3.52
CA GLY D 126 -0.44 -9.60 -4.33
C GLY D 126 -1.63 -9.32 -5.22
N THR D 127 -2.49 -10.32 -5.36
CA THR D 127 -3.68 -10.18 -6.19
C THR D 127 -4.90 -10.66 -5.45
N ILE D 128 -6.04 -10.09 -5.82
CA ILE D 128 -7.32 -10.45 -5.24
C ILE D 128 -8.28 -10.60 -6.43
N GLY D 129 -9.18 -11.58 -6.37
CA GLY D 129 -10.10 -11.74 -7.48
C GLY D 129 -11.08 -12.86 -7.30
N ALA D 130 -11.79 -13.20 -8.38
CA ALA D 130 -12.74 -14.29 -8.37
C ALA D 130 -11.90 -15.56 -8.29
N PRO D 131 -12.50 -16.67 -7.83
CA PRO D 131 -11.77 -17.93 -7.72
C PRO D 131 -11.49 -18.57 -9.08
N ILE D 132 -10.97 -17.80 -10.01
CA ILE D 132 -10.63 -18.31 -11.34
C ILE D 132 -9.37 -17.60 -11.77
N LYS D 133 -8.31 -18.37 -11.99
CA LYS D 133 -7.03 -17.80 -12.39
C LYS D 133 -7.17 -16.75 -13.49
N GLY D 134 -6.57 -15.59 -13.25
CA GLY D 134 -6.63 -14.52 -14.24
C GLY D 134 -7.68 -13.46 -13.99
N LEU D 135 -8.78 -13.83 -13.34
CA LEU D 135 -9.85 -12.87 -13.04
C LEU D 135 -9.48 -12.23 -11.71
N GLU D 136 -8.47 -11.38 -11.76
CA GLU D 136 -7.96 -10.75 -10.55
C GLU D 136 -7.18 -9.48 -10.89
N HIS D 137 -6.95 -8.65 -9.87
CA HIS D 137 -6.13 -7.47 -10.02
C HIS D 137 -5.28 -7.35 -8.75
N GLU D 138 -4.33 -6.43 -8.75
CA GLU D 138 -3.45 -6.27 -7.61
C GLU D 138 -4.13 -5.73 -6.37
N THR D 139 -3.50 -5.96 -5.22
CA THR D 139 -4.00 -5.49 -3.95
C THR D 139 -2.79 -5.21 -3.05
N PHE D 140 -2.94 -4.21 -2.18
CA PHE D 140 -1.87 -3.79 -1.25
C PHE D 140 -2.46 -3.42 0.09
N GLY D 141 -1.64 -3.52 1.13
CA GLY D 141 -2.07 -3.14 2.46
C GLY D 141 -0.88 -2.94 3.38
N VAL D 142 -0.93 -1.89 4.19
CA VAL D 142 0.14 -1.62 5.15
C VAL D 142 -0.47 -1.21 6.47
N GLY D 143 -0.03 -1.87 7.55
CA GLY D 143 -0.51 -1.55 8.88
C GLY D 143 0.70 -1.25 9.75
N ILE D 144 0.59 -0.22 10.57
CA ILE D 144 1.69 0.18 11.45
C ILE D 144 1.18 0.31 12.90
N ASN D 145 1.96 -0.19 13.85
CA ASN D 145 1.54 -0.13 15.25
C ASN D 145 2.76 -0.04 16.15
N HIS D 146 2.56 0.41 17.39
CA HIS D 146 3.67 0.48 18.34
C HIS D 146 3.76 -0.89 19.00
N ILE D 147 4.94 -1.28 19.43
CA ILE D 147 5.13 -2.60 20.05
C ILE D 147 6.21 -2.59 21.13
MG MG E . -2.19 4.52 14.14
N HIS F . -2.59 6.72 14.69
CA HIS F . -3.76 7.18 13.90
C HIS F . -4.03 6.33 12.66
O HIS F . -3.56 5.19 12.62
CB HIS F . -3.56 8.65 13.53
CG HIS F . -3.49 9.54 14.74
ND1 HIS F . -2.43 9.53 15.61
CD2 HIS F . -4.40 10.39 15.25
CE1 HIS F . -2.69 10.33 16.63
NE2 HIS F . -3.88 10.87 16.43
OXT HIS F . -4.72 6.82 11.75
MG MG G . -11.91 -4.76 -7.77
N HIS H . -12.40 -6.96 -7.89
CA HIS H . -12.65 -7.46 -6.51
C HIS H . -11.94 -6.63 -5.45
O HIS H . -11.65 -5.46 -5.75
CB HIS H . -12.21 -8.94 -6.44
CG HIS H . -13.06 -9.84 -7.28
ND1 HIS H . -13.03 -9.82 -8.66
CD2 HIS H . -14.00 -10.75 -6.94
CE1 HIS H . -13.94 -10.67 -9.12
NE2 HIS H . -14.54 -11.24 -8.09
OXT HIS H . -11.71 -7.12 -4.33
#